data_8JHR
#
_entry.id   8JHR
#
_cell.length_a   1.00
_cell.length_b   1.00
_cell.length_c   1.00
_cell.angle_alpha   90.00
_cell.angle_beta   90.00
_cell.angle_gamma   90.00
#
_symmetry.space_group_name_H-M   'P 1'
#
loop_
_entity.id
_entity.type
_entity.pdbx_description
1 polymer 'Sphingosine-1-phosphate transporter SPNS2'
2 non-polymer 3-[3-(4-decylphenyl)-1,2,4-oxadiazol-5-yl]propan-1-amine
#
_entity_poly.entity_id   1
_entity_poly.type   'polypeptide(L)'
_entity_poly.pdbx_seq_one_letter_code
;MHHHHHHHHHHSGDEVDAGSGHMMCLECASAAAGGAEEEEADAERRRRRRGAQRGAGGSGCCGARGAGGAGVSAAGDEVQ
TLSGSVRRAPTGPPGTPGTPGCAATAKGPGAQQPKPASLGRGRGAAAAILSLGNVLNYLDRYTVAGVLLDIQQHFGVKDR
GAGLLQSVFICSFMVAAPIFGYLGDRFNRKVILSCGIFFWSAVTFSSSFIPQQYFWLLVLSRGLVGIGEASYSTIAPTII
GDLFTKNTRTLMLSVFYFAIPLGSGLGYITGSSVKQAAGDWHWALRVSPVLGMITGTLILILVPATKRGHADQLGDQLKA
RTSWLRDMKALIRNRSYVFSSLATSAVSFATGALGMWIPLYLHRAQVVQKTAETCNSPPCGAKDSLIFGAITCFTGFLGV
VTGAGATRWCRLKTQRADPLVCAVGMLGSAIFICLIFVAAKSSIVGAYICIFVGETLLFSNWAITADILMYVVIPTRRAT
AVALQSFTSHLLGDAGSPYLIGFISDLIRQSTKDSPLWEFLSLGYALMLCPFVVVLGGMFFLATALFFVSDRARAEQQVN
QLAMPPASVKV
;
_entity_poly.pdbx_strand_id   A
#
loop_
_chem_comp.id
_chem_comp.type
_chem_comp.name
_chem_comp.formula
YUX non-polymer 3-[3-(4-decylphenyl)-1,2,4-oxadiazol-5-yl]propan-1-amine 'C21 H33 N3 O'
#
# COMPACT_ATOMS: atom_id res chain seq x y z
N SER A 118 -12.40 25.18 20.60
CA SER A 118 -13.44 25.59 21.53
C SER A 118 -14.03 24.37 22.25
N LEU A 119 -13.99 23.22 21.58
CA LEU A 119 -14.51 21.97 22.13
C LEU A 119 -13.46 20.89 21.94
N GLY A 120 -13.23 20.11 23.00
CA GLY A 120 -12.23 19.06 22.96
C GLY A 120 -12.80 17.67 22.75
N ARG A 121 -13.91 17.37 23.43
CA ARG A 121 -14.51 16.03 23.32
C ARG A 121 -14.96 15.75 21.89
N GLY A 122 -15.60 16.72 21.24
CA GLY A 122 -16.04 16.52 19.87
C GLY A 122 -14.90 16.28 18.91
N ARG A 123 -13.83 17.06 19.02
CA ARG A 123 -12.68 16.88 18.16
C ARG A 123 -12.01 15.53 18.40
N GLY A 124 -11.90 15.13 19.68
CA GLY A 124 -11.32 13.84 19.98
C GLY A 124 -12.13 12.69 19.42
N ALA A 125 -13.47 12.75 19.58
CA ALA A 125 -14.32 11.71 19.03
C ALA A 125 -14.25 11.68 17.52
N ALA A 126 -14.18 12.85 16.88
CA ALA A 126 -14.04 12.91 15.43
C ALA A 126 -12.73 12.27 14.97
N ALA A 127 -11.64 12.57 15.67
CA ALA A 127 -10.37 11.95 15.33
C ALA A 127 -10.42 10.44 15.51
N ALA A 128 -11.04 9.97 16.59
CA ALA A 128 -11.14 8.53 16.82
C ALA A 128 -11.96 7.85 15.74
N ILE A 129 -13.10 8.44 15.37
CA ILE A 129 -13.95 7.80 14.36
C ILE A 129 -13.27 7.85 12.99
N LEU A 130 -12.54 8.92 12.68
CA LEU A 130 -11.81 8.98 11.43
C LEU A 130 -10.71 7.91 11.38
N SER A 131 -10.00 7.72 12.49
CA SER A 131 -8.97 6.69 12.53
C SER A 131 -9.57 5.29 12.38
N LEU A 132 -10.72 5.05 13.03
CA LEU A 132 -11.40 3.77 12.86
C LEU A 132 -11.84 3.58 11.41
N GLY A 133 -12.31 4.66 10.77
CA GLY A 133 -12.67 4.57 9.37
C GLY A 133 -11.48 4.23 8.49
N ASN A 134 -10.32 4.81 8.78
CA ASN A 134 -9.12 4.49 8.02
C ASN A 134 -8.72 3.03 8.20
N VAL A 135 -8.81 2.53 9.44
CA VAL A 135 -8.52 1.12 9.70
C VAL A 135 -9.45 0.23 8.88
N LEU A 136 -10.75 0.57 8.88
CA LEU A 136 -11.72 -0.20 8.10
C LEU A 136 -11.41 -0.13 6.62
N ASN A 137 -11.00 1.05 6.14
CA ASN A 137 -10.67 1.23 4.73
C ASN A 137 -9.55 0.29 4.31
N TYR A 138 -8.45 0.28 5.08
CA TYR A 138 -7.34 -0.59 4.70
C TYR A 138 -7.67 -2.06 4.88
N LEU A 139 -8.47 -2.40 5.89
CA LEU A 139 -8.91 -3.78 6.08
C LEU A 139 -9.69 -4.28 4.87
N ASP A 140 -10.64 -3.47 4.40
CA ASP A 140 -11.38 -3.83 3.20
C ASP A 140 -10.49 -3.85 1.98
N ARG A 141 -9.45 -3.01 1.95
CA ARG A 141 -8.53 -3.02 0.82
C ARG A 141 -7.78 -4.34 0.72
N TYR A 142 -7.33 -4.88 1.85
CA TYR A 142 -6.43 -6.03 1.82
C TYR A 142 -7.07 -7.36 2.18
N THR A 143 -8.37 -7.40 2.49
CA THR A 143 -9.00 -8.70 2.75
C THR A 143 -8.96 -9.61 1.52
N VAL A 144 -9.14 -9.04 0.33
CA VAL A 144 -9.09 -9.85 -0.89
C VAL A 144 -7.68 -10.40 -1.11
N ALA A 145 -6.66 -9.58 -0.87
CA ALA A 145 -5.29 -10.07 -0.97
C ALA A 145 -5.06 -11.20 0.03
N GLY A 146 -5.70 -11.11 1.20
CA GLY A 146 -5.58 -12.18 2.18
C GLY A 146 -6.22 -13.48 1.72
N VAL A 147 -7.40 -13.40 1.10
CA VAL A 147 -8.22 -14.58 0.83
C VAL A 147 -8.17 -14.97 -0.65
N LEU A 148 -7.22 -14.44 -1.42
CA LEU A 148 -7.18 -14.69 -2.87
C LEU A 148 -7.13 -16.16 -3.24
N LEU A 149 -6.53 -17.03 -2.41
CA LEU A 149 -6.37 -18.42 -2.82
C LEU A 149 -7.71 -19.09 -3.05
N ASP A 150 -8.65 -18.90 -2.12
CA ASP A 150 -9.97 -19.51 -2.28
C ASP A 150 -10.71 -18.93 -3.48
N ILE A 151 -10.58 -17.63 -3.72
CA ILE A 151 -11.22 -17.02 -4.88
C ILE A 151 -10.70 -17.65 -6.16
N GLN A 152 -9.38 -17.77 -6.28
CA GLN A 152 -8.78 -18.33 -7.48
C GLN A 152 -9.20 -19.79 -7.67
N GLN A 153 -9.23 -20.56 -6.58
CA GLN A 153 -9.62 -21.97 -6.70
C GLN A 153 -11.09 -22.11 -7.08
N HIS A 154 -11.96 -21.30 -6.51
CA HIS A 154 -13.40 -21.46 -6.74
C HIS A 154 -13.80 -20.94 -8.12
N PHE A 155 -13.27 -19.78 -8.53
CA PHE A 155 -13.67 -19.20 -9.80
C PHE A 155 -12.98 -19.85 -11.00
N GLY A 156 -11.97 -20.67 -10.77
CA GLY A 156 -11.30 -21.36 -11.86
C GLY A 156 -10.53 -20.44 -12.79
N VAL A 157 -9.81 -19.46 -12.25
CA VAL A 157 -9.04 -18.53 -13.06
C VAL A 157 -7.56 -18.70 -12.72
N LYS A 158 -6.74 -18.15 -13.60
CA LYS A 158 -5.28 -18.29 -13.40
C LYS A 158 -4.72 -16.97 -12.91
N ASP A 159 -3.42 -16.88 -12.75
CA ASP A 159 -2.81 -15.74 -12.07
C ASP A 159 -3.11 -14.42 -12.75
N ARG A 160 -3.49 -14.44 -14.03
CA ARG A 160 -3.75 -13.20 -14.76
C ARG A 160 -4.90 -12.43 -14.13
N GLY A 161 -6.04 -13.09 -13.91
CA GLY A 161 -7.16 -12.43 -13.25
C GLY A 161 -6.86 -12.05 -11.82
N ALA A 162 -6.08 -12.89 -11.13
CA ALA A 162 -5.72 -12.59 -9.74
C ALA A 162 -4.94 -11.29 -9.66
N GLY A 163 -4.00 -11.07 -10.57
CA GLY A 163 -3.34 -9.78 -10.64
C GLY A 163 -4.28 -8.68 -11.09
N LEU A 164 -5.18 -9.00 -12.02
CA LEU A 164 -6.09 -8.02 -12.58
C LEU A 164 -6.98 -7.39 -11.51
N LEU A 165 -7.35 -8.17 -10.50
CA LEU A 165 -8.16 -7.63 -9.40
C LEU A 165 -7.51 -6.38 -8.80
N GLN A 166 -6.31 -6.55 -8.24
CA GLN A 166 -5.62 -5.44 -7.61
C GLN A 166 -5.23 -4.37 -8.61
N SER A 167 -4.88 -4.77 -9.85
CA SER A 167 -4.53 -3.77 -10.85
C SER A 167 -5.69 -2.84 -11.14
N VAL A 168 -6.89 -3.40 -11.31
CA VAL A 168 -8.09 -2.59 -11.56
C VAL A 168 -8.41 -1.73 -10.35
N PHE A 169 -8.27 -2.30 -9.14
CA PHE A 169 -8.50 -1.52 -7.93
C PHE A 169 -7.60 -0.27 -7.90
N ILE A 170 -6.30 -0.48 -8.12
CA ILE A 170 -5.35 0.63 -8.04
C ILE A 170 -5.59 1.62 -9.17
N CYS A 171 -5.95 1.12 -10.36
CA CYS A 171 -6.23 2.03 -11.47
C CYS A 171 -7.43 2.93 -11.17
N SER A 172 -8.50 2.35 -10.62
CA SER A 172 -9.66 3.14 -10.26
C SER A 172 -9.32 4.16 -9.18
N PHE A 173 -8.55 3.75 -8.17
CA PHE A 173 -8.11 4.66 -7.12
C PHE A 173 -7.33 5.83 -7.71
N MET A 174 -6.37 5.51 -8.58
CA MET A 174 -5.52 6.54 -9.18
C MET A 174 -6.33 7.52 -10.01
N VAL A 175 -7.27 7.01 -10.81
CA VAL A 175 -8.07 7.91 -11.64
C VAL A 175 -8.99 8.77 -10.77
N ALA A 176 -9.59 8.19 -9.74
CA ALA A 176 -10.65 8.85 -8.99
C ALA A 176 -10.18 9.75 -7.86
N ALA A 177 -8.91 9.66 -7.46
CA ALA A 177 -8.44 10.51 -6.36
C ALA A 177 -8.53 12.01 -6.63
N PRO A 178 -8.01 12.54 -7.75
CA PRO A 178 -7.98 14.00 -7.89
C PRO A 178 -9.36 14.64 -8.03
N ILE A 179 -10.27 14.01 -8.75
CA ILE A 179 -11.61 14.58 -8.90
C ILE A 179 -12.33 14.59 -7.57
N PHE A 180 -12.13 13.56 -6.75
CA PHE A 180 -12.73 13.55 -5.42
C PHE A 180 -12.13 14.64 -4.54
N GLY A 181 -10.83 14.86 -4.64
CA GLY A 181 -10.23 15.98 -3.93
C GLY A 181 -10.83 17.31 -4.35
N TYR A 182 -11.02 17.49 -5.66
CA TYR A 182 -11.62 18.71 -6.20
C TYR A 182 -13.02 18.93 -5.64
N LEU A 183 -13.88 17.92 -5.75
CA LEU A 183 -15.20 18.00 -5.14
C LEU A 183 -15.12 18.27 -3.66
N GLY A 184 -14.05 17.81 -3.01
CA GLY A 184 -13.88 18.09 -1.59
C GLY A 184 -13.67 19.56 -1.31
N ASP A 185 -12.77 20.21 -2.06
CA ASP A 185 -12.54 21.61 -1.70
C ASP A 185 -13.65 22.52 -2.21
N ARG A 186 -14.47 22.11 -3.18
CA ARG A 186 -15.51 23.08 -3.62
C ARG A 186 -16.83 22.81 -2.92
N PHE A 187 -17.08 21.57 -2.55
CA PHE A 187 -18.38 21.24 -1.94
C PHE A 187 -18.18 20.83 -0.49
N ASN A 188 -19.27 20.40 0.14
CA ASN A 188 -19.21 19.92 1.51
C ASN A 188 -18.48 18.58 1.58
N ARG A 189 -17.74 18.38 2.66
CA ARG A 189 -16.86 17.22 2.81
C ARG A 189 -17.47 16.10 3.64
N LYS A 190 -18.13 16.43 4.74
CA LYS A 190 -18.65 15.41 5.65
C LYS A 190 -19.70 14.54 4.97
N VAL A 191 -20.62 15.16 4.23
CA VAL A 191 -21.63 14.40 3.50
C VAL A 191 -20.99 13.54 2.42
N ILE A 192 -20.00 14.09 1.72
CA ILE A 192 -19.27 13.32 0.71
C ILE A 192 -18.56 12.13 1.36
N LEU A 193 -17.96 12.35 2.52
CA LEU A 193 -17.26 11.27 3.22
C LEU A 193 -18.22 10.15 3.59
N SER A 194 -19.38 10.50 4.17
CA SER A 194 -20.35 9.49 4.54
C SER A 194 -20.89 8.76 3.31
N CYS A 195 -21.13 9.50 2.22
CA CYS A 195 -21.61 8.86 1.01
C CYS A 195 -20.59 7.88 0.46
N GLY A 196 -19.30 8.26 0.49
CA GLY A 196 -18.28 7.35 -0.02
C GLY A 196 -18.13 6.10 0.81
N ILE A 197 -18.16 6.23 2.14
CA ILE A 197 -18.01 5.03 2.97
C ILE A 197 -19.23 4.12 2.81
N PHE A 198 -20.43 4.71 2.76
CA PHE A 198 -21.62 3.91 2.51
C PHE A 198 -21.54 3.23 1.15
N PHE A 199 -21.01 3.93 0.15
CA PHE A 199 -20.91 3.38 -1.19
C PHE A 199 -20.01 2.15 -1.23
N TRP A 200 -18.79 2.26 -0.69
CA TRP A 200 -17.91 1.11 -0.81
C TRP A 200 -18.34 0.00 0.14
N SER A 201 -19.00 0.33 1.25
CA SER A 201 -19.55 -0.71 2.11
C SER A 201 -20.63 -1.50 1.39
N ALA A 202 -21.54 -0.80 0.71
CA ALA A 202 -22.60 -1.48 -0.03
C ALA A 202 -22.03 -2.34 -1.15
N VAL A 203 -21.05 -1.81 -1.88
CA VAL A 203 -20.46 -2.59 -2.97
C VAL A 203 -19.72 -3.80 -2.43
N THR A 204 -19.00 -3.64 -1.32
CA THR A 204 -18.29 -4.78 -0.72
C THR A 204 -19.26 -5.85 -0.27
N PHE A 205 -20.37 -5.46 0.37
CA PHE A 205 -21.36 -6.45 0.80
C PHE A 205 -21.98 -7.15 -0.40
N SER A 206 -22.32 -6.40 -1.45
CA SER A 206 -22.94 -7.00 -2.62
C SER A 206 -21.99 -7.89 -3.39
N SER A 207 -20.68 -7.65 -3.28
CA SER A 207 -19.72 -8.44 -4.03
C SER A 207 -19.72 -9.91 -3.61
N SER A 208 -20.09 -10.19 -2.36
CA SER A 208 -20.04 -11.57 -1.86
C SER A 208 -21.11 -12.46 -2.48
N PHE A 209 -22.16 -11.87 -3.07
CA PHE A 209 -23.26 -12.65 -3.64
C PHE A 209 -23.06 -12.96 -5.11
N ILE A 210 -21.95 -12.54 -5.71
CA ILE A 210 -21.73 -12.76 -7.15
C ILE A 210 -21.59 -14.24 -7.42
N PRO A 211 -22.33 -14.81 -8.38
CA PRO A 211 -22.21 -16.24 -8.65
C PRO A 211 -20.88 -16.58 -9.32
N GLN A 212 -20.59 -17.89 -9.33
CA GLN A 212 -19.31 -18.36 -9.86
C GLN A 212 -19.21 -18.13 -11.36
N GLN A 213 -20.32 -18.25 -12.09
CA GLN A 213 -20.28 -18.17 -13.54
C GLN A 213 -19.84 -16.80 -14.04
N TYR A 214 -19.90 -15.77 -13.21
CA TYR A 214 -19.52 -14.41 -13.60
C TYR A 214 -18.27 -14.00 -12.83
N PHE A 215 -17.30 -13.45 -13.55
CA PHE A 215 -16.06 -12.95 -12.95
C PHE A 215 -15.91 -11.44 -13.07
N TRP A 216 -16.28 -10.85 -14.20
CA TRP A 216 -16.13 -9.42 -14.37
C TRP A 216 -16.95 -8.63 -13.37
N LEU A 217 -17.99 -9.24 -12.80
CA LEU A 217 -18.75 -8.58 -11.73
C LEU A 217 -17.84 -8.24 -10.55
N LEU A 218 -16.99 -9.19 -10.14
CA LEU A 218 -16.07 -8.94 -9.05
C LEU A 218 -15.10 -7.82 -9.40
N VAL A 219 -14.65 -7.76 -10.65
CA VAL A 219 -13.69 -6.73 -11.05
C VAL A 219 -14.33 -5.35 -11.01
N LEU A 220 -15.56 -5.22 -11.52
CA LEU A 220 -16.23 -3.92 -11.43
C LEU A 220 -16.55 -3.55 -10.00
N SER A 221 -16.86 -4.55 -9.15
CA SER A 221 -17.04 -4.28 -7.73
C SER A 221 -15.75 -3.73 -7.12
N ARG A 222 -14.61 -4.31 -7.50
CA ARG A 222 -13.33 -3.78 -7.03
C ARG A 222 -13.11 -2.35 -7.49
N GLY A 223 -13.49 -2.05 -8.73
CA GLY A 223 -13.36 -0.68 -9.22
C GLY A 223 -14.19 0.31 -8.40
N LEU A 224 -15.44 -0.06 -8.11
CA LEU A 224 -16.31 0.82 -7.32
C LEU A 224 -15.77 0.98 -5.90
N VAL A 225 -15.28 -0.12 -5.31
CA VAL A 225 -14.68 -0.03 -3.97
C VAL A 225 -13.48 0.90 -4.00
N GLY A 226 -12.67 0.82 -5.06
CA GLY A 226 -11.54 1.71 -5.19
C GLY A 226 -11.97 3.16 -5.28
N ILE A 227 -13.06 3.43 -6.00
CA ILE A 227 -13.59 4.79 -6.08
C ILE A 227 -13.95 5.31 -4.68
N GLY A 228 -14.67 4.49 -3.91
CA GLY A 228 -15.06 4.92 -2.57
C GLY A 228 -13.87 5.14 -1.65
N GLU A 229 -12.92 4.22 -1.67
CA GLU A 229 -11.74 4.35 -0.83
C GLU A 229 -10.90 5.56 -1.23
N ALA A 230 -10.83 5.85 -2.53
CA ALA A 230 -10.12 7.04 -2.98
C ALA A 230 -10.78 8.30 -2.46
N SER A 231 -12.11 8.35 -2.50
CA SER A 231 -12.82 9.49 -1.92
C SER A 231 -12.46 9.67 -0.45
N TYR A 232 -12.56 8.58 0.32
CA TYR A 232 -12.27 8.68 1.75
C TYR A 232 -10.83 9.14 2.01
N SER A 233 -9.87 8.54 1.31
CA SER A 233 -8.47 8.83 1.56
C SER A 233 -8.09 10.23 1.13
N THR A 234 -8.72 10.75 0.07
CA THR A 234 -8.42 12.12 -0.34
C THR A 234 -9.10 13.14 0.55
N ILE A 235 -10.24 12.79 1.15
CA ILE A 235 -11.01 13.78 1.91
C ILE A 235 -10.55 13.87 3.36
N ALA A 236 -10.41 12.73 4.05
CA ALA A 236 -10.24 12.77 5.51
C ALA A 236 -9.05 13.58 6.00
N PRO A 237 -7.85 13.50 5.41
CA PRO A 237 -6.73 14.29 5.96
C PRO A 237 -7.00 15.78 5.99
N THR A 238 -7.75 16.32 5.03
CA THR A 238 -8.00 17.75 5.00
C THR A 238 -8.74 18.21 6.25
N ILE A 239 -9.83 17.53 6.61
CA ILE A 239 -10.57 17.93 7.80
C ILE A 239 -9.78 17.60 9.06
N ILE A 240 -9.09 16.44 9.08
CA ILE A 240 -8.36 16.08 10.29
C ILE A 240 -7.24 17.08 10.56
N GLY A 241 -6.72 17.74 9.52
CA GLY A 241 -5.72 18.77 9.75
C GLY A 241 -6.32 20.15 9.95
N ASP A 242 -7.51 20.38 9.41
CA ASP A 242 -8.19 21.65 9.64
C ASP A 242 -8.61 21.78 11.10
N LEU A 243 -9.07 20.68 11.70
CA LEU A 243 -9.61 20.75 13.05
C LEU A 243 -8.58 21.23 14.06
N PHE A 244 -7.34 20.72 13.97
CA PHE A 244 -6.29 21.01 14.94
C PHE A 244 -5.24 21.92 14.31
N THR A 245 -4.19 22.19 15.08
CA THR A 245 -3.12 23.06 14.61
C THR A 245 -1.82 22.74 15.35
N LYS A 246 -0.71 22.84 14.63
CA LYS A 246 0.66 22.78 15.19
C LYS A 246 0.88 21.39 15.79
N ASN A 247 1.36 21.30 17.03
CA ASN A 247 1.76 20.00 17.59
C ASN A 247 0.56 19.06 17.70
N THR A 248 -0.59 19.58 18.11
CA THR A 248 -1.78 18.74 18.16
C THR A 248 -2.14 18.22 16.78
N ARG A 249 -2.05 19.07 15.76
CA ARG A 249 -2.38 18.64 14.41
C ARG A 249 -1.43 17.56 13.92
N THR A 250 -0.13 17.71 14.16
CA THR A 250 0.80 16.70 13.67
C THR A 250 0.67 15.40 14.45
N LEU A 251 0.37 15.48 15.75
CA LEU A 251 0.14 14.26 16.52
C LEU A 251 -1.12 13.54 16.01
N MET A 252 -2.18 14.28 15.73
CA MET A 252 -3.39 13.66 15.21
C MET A 252 -3.17 13.07 13.83
N LEU A 253 -2.41 13.76 12.98
CA LEU A 253 -2.11 13.20 11.66
C LEU A 253 -1.27 11.93 11.79
N SER A 254 -0.32 11.92 12.75
CA SER A 254 0.47 10.72 12.96
C SER A 254 -0.38 9.55 13.42
N VAL A 255 -1.30 9.80 14.37
CA VAL A 255 -2.15 8.70 14.82
C VAL A 255 -3.12 8.29 13.73
N PHE A 256 -3.47 9.22 12.82
CA PHE A 256 -4.28 8.85 11.66
C PHE A 256 -3.52 7.91 10.74
N TYR A 257 -2.29 8.29 10.36
CA TYR A 257 -1.47 7.46 9.50
C TYR A 257 -0.99 6.18 10.16
N PHE A 258 -1.14 6.07 11.49
CA PHE A 258 -0.84 4.82 12.16
C PHE A 258 -1.75 3.68 11.71
N ALA A 259 -2.85 3.99 11.03
CA ALA A 259 -3.81 2.97 10.64
C ALA A 259 -3.32 2.09 9.50
N ILE A 260 -2.34 2.54 8.72
CA ILE A 260 -1.92 1.81 7.52
C ILE A 260 -1.29 0.47 7.90
N PRO A 261 -0.16 0.43 8.63
CA PRO A 261 0.41 -0.88 8.98
C PRO A 261 -0.51 -1.68 9.88
N LEU A 262 -1.35 -1.00 10.65
CA LEU A 262 -2.34 -1.69 11.46
C LEU A 262 -3.48 -2.20 10.59
N GLY A 263 -3.94 -1.37 9.65
CA GLY A 263 -5.08 -1.76 8.82
C GLY A 263 -4.78 -2.94 7.91
N SER A 264 -3.61 -2.95 7.27
CA SER A 264 -3.27 -4.07 6.40
C SER A 264 -3.19 -5.37 7.19
N GLY A 265 -2.55 -5.32 8.36
CA GLY A 265 -2.46 -6.51 9.18
C GLY A 265 -3.82 -7.02 9.63
N LEU A 266 -4.68 -6.12 10.11
CA LEU A 266 -6.02 -6.55 10.50
C LEU A 266 -6.81 -7.08 9.30
N GLY A 267 -6.56 -6.54 8.10
CA GLY A 267 -7.24 -7.08 6.93
C GLY A 267 -6.84 -8.52 6.67
N TYR A 268 -5.54 -8.79 6.69
CA TYR A 268 -5.08 -10.17 6.54
C TYR A 268 -5.67 -11.06 7.62
N ILE A 269 -5.64 -10.57 8.88
CA ILE A 269 -6.08 -11.37 10.01
C ILE A 269 -7.56 -11.71 9.89
N THR A 270 -8.39 -10.71 9.58
CA THR A 270 -9.82 -10.95 9.50
C THR A 270 -10.17 -11.86 8.33
N GLY A 271 -9.52 -11.67 7.18
CA GLY A 271 -9.79 -12.57 6.07
C GLY A 271 -9.49 -14.01 6.40
N SER A 272 -8.28 -14.25 6.95
CA SER A 272 -7.90 -15.62 7.29
C SER A 272 -8.79 -16.19 8.38
N SER A 273 -9.08 -15.42 9.42
CA SER A 273 -9.86 -15.92 10.54
C SER A 273 -11.29 -16.25 10.12
N VAL A 274 -11.92 -15.38 9.32
CA VAL A 274 -13.29 -15.65 8.89
C VAL A 274 -13.32 -16.83 7.94
N LYS A 275 -12.31 -16.96 7.06
CA LYS A 275 -12.24 -18.13 6.21
C LYS A 275 -12.14 -19.40 7.05
N GLN A 276 -11.28 -19.39 8.08
CA GLN A 276 -11.10 -20.57 8.91
C GLN A 276 -12.36 -20.91 9.70
N ALA A 277 -13.05 -19.88 10.23
CA ALA A 277 -14.19 -20.12 11.10
C ALA A 277 -15.44 -20.48 10.31
N ALA A 278 -15.86 -19.62 9.38
CA ALA A 278 -17.08 -19.88 8.62
C ALA A 278 -16.93 -21.11 7.75
N GLY A 279 -15.73 -21.35 7.22
CA GLY A 279 -15.49 -22.47 6.33
C GLY A 279 -15.73 -22.17 4.87
N ASP A 280 -16.26 -21.00 4.53
CA ASP A 280 -16.46 -20.59 3.16
C ASP A 280 -15.98 -19.16 3.02
N TRP A 281 -15.32 -18.86 1.91
CA TRP A 281 -14.60 -17.59 1.78
C TRP A 281 -15.54 -16.40 1.58
N HIS A 282 -16.80 -16.61 1.21
CA HIS A 282 -17.70 -15.50 0.97
C HIS A 282 -17.84 -14.63 2.22
N TRP A 283 -17.90 -15.27 3.39
CA TRP A 283 -18.07 -14.54 4.64
C TRP A 283 -16.89 -13.61 4.91
N ALA A 284 -15.77 -13.79 4.21
CA ALA A 284 -14.66 -12.86 4.34
C ALA A 284 -15.08 -11.45 3.97
N LEU A 285 -16.06 -11.31 3.08
CA LEU A 285 -16.59 -10.01 2.69
C LEU A 285 -17.91 -9.68 3.38
N ARG A 286 -18.30 -10.45 4.39
CA ARG A 286 -19.60 -10.30 5.05
C ARG A 286 -19.47 -9.96 6.53
N VAL A 287 -18.34 -9.39 6.95
CA VAL A 287 -18.15 -9.04 8.35
C VAL A 287 -17.80 -7.56 8.46
N SER A 288 -17.25 -7.00 7.38
CA SER A 288 -16.83 -5.61 7.34
C SER A 288 -17.96 -4.61 7.05
N PRO A 289 -18.87 -4.88 6.11
CA PRO A 289 -19.85 -3.85 5.74
C PRO A 289 -20.73 -3.37 6.89
N VAL A 290 -21.05 -4.21 7.86
CA VAL A 290 -21.83 -3.74 9.01
C VAL A 290 -21.04 -2.68 9.77
N LEU A 291 -19.75 -2.93 10.01
CA LEU A 291 -18.90 -1.92 10.61
C LEU A 291 -18.80 -0.68 9.73
N GLY A 292 -18.83 -0.86 8.41
CA GLY A 292 -18.81 0.30 7.53
C GLY A 292 -20.05 1.17 7.68
N MET A 293 -21.22 0.56 7.75
CA MET A 293 -22.45 1.32 7.94
C MET A 293 -22.45 2.00 9.31
N ILE A 294 -22.00 1.30 10.34
CA ILE A 294 -21.93 1.91 11.68
C ILE A 294 -20.98 3.11 11.67
N THR A 295 -19.83 2.96 11.01
CA THR A 295 -18.87 4.05 10.92
C THR A 295 -19.44 5.22 10.13
N GLY A 296 -20.21 4.95 9.09
CA GLY A 296 -20.88 6.02 8.38
C GLY A 296 -21.87 6.77 9.24
N THR A 297 -22.66 6.04 10.01
CA THR A 297 -23.61 6.69 10.92
C THR A 297 -22.87 7.56 11.94
N LEU A 298 -21.78 7.03 12.50
CA LEU A 298 -21.02 7.80 13.49
C LEU A 298 -20.36 9.03 12.88
N ILE A 299 -19.77 8.89 11.69
CA ILE A 299 -19.10 10.02 11.04
C ILE A 299 -20.13 11.08 10.67
N LEU A 300 -21.37 10.66 10.42
CA LEU A 300 -22.44 11.63 10.18
C LEU A 300 -22.95 12.26 11.47
N ILE A 301 -22.86 11.56 12.60
CA ILE A 301 -23.48 12.04 13.82
C ILE A 301 -22.54 12.96 14.61
N LEU A 302 -21.31 12.53 14.86
CA LEU A 302 -20.45 13.24 15.81
C LEU A 302 -19.56 14.29 15.16
N VAL A 303 -19.11 14.07 13.94
CA VAL A 303 -18.09 14.93 13.34
C VAL A 303 -18.71 16.27 12.97
N PRO A 304 -18.16 17.39 13.45
CA PRO A 304 -18.67 18.70 13.04
C PRO A 304 -18.39 18.97 11.57
N ALA A 305 -19.24 19.80 10.97
CA ALA A 305 -19.11 20.12 9.56
C ALA A 305 -17.88 21.00 9.32
N THR A 306 -17.45 21.04 8.07
CA THR A 306 -16.29 21.84 7.68
C THR A 306 -16.57 23.33 7.77
N ARG A 321 -7.11 23.67 -9.21
CA ARG A 321 -5.80 24.27 -8.82
C ARG A 321 -5.62 25.63 -9.50
N THR A 322 -4.40 26.17 -9.50
CA THR A 322 -4.13 27.39 -10.23
C THR A 322 -2.78 27.27 -10.93
N SER A 323 -2.74 27.67 -12.20
CA SER A 323 -1.51 27.69 -13.00
C SER A 323 -0.89 26.29 -13.10
N TRP A 324 -1.71 25.32 -13.48
CA TRP A 324 -1.22 23.95 -13.66
C TRP A 324 -0.06 23.90 -14.65
N LEU A 325 -0.14 24.69 -15.73
CA LEU A 325 0.89 24.65 -16.75
C LEU A 325 2.23 25.13 -16.21
N ARG A 326 2.23 26.23 -15.45
CA ARG A 326 3.47 26.76 -14.91
C ARG A 326 4.12 25.80 -13.92
N ASP A 327 3.31 25.19 -13.04
CA ASP A 327 3.84 24.21 -12.10
C ASP A 327 4.39 23.00 -12.84
N MET A 328 3.69 22.54 -13.87
CA MET A 328 4.19 21.44 -14.70
C MET A 328 5.56 21.78 -15.29
N LYS A 329 5.67 22.97 -15.90
CA LYS A 329 6.92 23.34 -16.55
C LYS A 329 8.04 23.48 -15.53
N ALA A 330 7.75 24.07 -14.36
CA ALA A 330 8.78 24.23 -13.34
C ALA A 330 9.21 22.88 -12.77
N LEU A 331 8.26 21.98 -12.51
CA LEU A 331 8.59 20.71 -11.88
C LEU A 331 9.24 19.73 -12.84
N ILE A 332 9.04 19.90 -14.15
CA ILE A 332 9.71 19.01 -15.09
C ILE A 332 11.22 19.23 -15.10
N ARG A 333 11.69 20.37 -14.61
CA ARG A 333 13.11 20.68 -14.58
C ARG A 333 13.77 20.38 -13.24
N ASN A 334 13.00 19.97 -12.24
CA ASN A 334 13.53 19.64 -10.92
C ASN A 334 14.01 18.18 -10.96
N ARG A 335 15.33 18.00 -11.15
CA ARG A 335 15.87 16.67 -11.36
C ARG A 335 15.77 15.82 -10.10
N SER A 336 16.06 16.39 -8.93
CA SER A 336 15.93 15.63 -7.69
C SER A 336 14.49 15.21 -7.46
N TYR A 337 13.54 16.08 -7.80
CA TYR A 337 12.13 15.73 -7.69
C TYR A 337 11.79 14.54 -8.57
N VAL A 338 12.28 14.54 -9.82
CA VAL A 338 12.01 13.44 -10.74
C VAL A 338 12.61 12.14 -10.22
N PHE A 339 13.85 12.20 -9.74
CA PHE A 339 14.51 10.99 -9.26
C PHE A 339 13.81 10.46 -8.01
N SER A 340 13.38 11.35 -7.11
CA SER A 340 12.65 10.89 -5.93
C SER A 340 11.31 10.28 -6.31
N SER A 341 10.64 10.86 -7.30
CA SER A 341 9.37 10.29 -7.76
C SER A 341 9.57 8.91 -8.37
N LEU A 342 10.65 8.73 -9.14
CA LEU A 342 10.96 7.41 -9.69
C LEU A 342 11.28 6.42 -8.59
N ALA A 343 12.00 6.86 -7.56
CA ALA A 343 12.30 5.99 -6.44
C ALA A 343 11.03 5.56 -5.71
N THR A 344 10.12 6.50 -5.49
CA THR A 344 8.84 6.16 -4.87
C THR A 344 8.04 5.21 -5.75
N SER A 345 8.13 5.39 -7.07
CA SER A 345 7.45 4.47 -7.99
C SER A 345 8.01 3.06 -7.86
N ALA A 346 9.33 2.92 -7.77
CA ALA A 346 9.93 1.61 -7.58
C ALA A 346 9.51 0.98 -6.26
N VAL A 347 9.47 1.79 -5.20
CA VAL A 347 9.02 1.30 -3.90
C VAL A 347 7.57 0.81 -3.99
N SER A 348 6.72 1.58 -4.67
CA SER A 348 5.32 1.18 -4.82
C SER A 348 5.20 -0.11 -5.61
N PHE A 349 5.99 -0.25 -6.67
CA PHE A 349 6.03 -1.50 -7.42
C PHE A 349 6.34 -2.67 -6.51
N ALA A 350 7.44 -2.55 -5.74
CA ALA A 350 7.87 -3.66 -4.90
C ALA A 350 6.82 -3.99 -3.83
N THR A 351 6.30 -2.97 -3.15
CA THR A 351 5.37 -3.23 -2.06
C THR A 351 4.04 -3.78 -2.59
N GLY A 352 3.58 -3.29 -3.74
CA GLY A 352 2.36 -3.84 -4.31
C GLY A 352 2.50 -5.30 -4.68
N ALA A 353 3.58 -5.63 -5.40
CA ALA A 353 3.78 -7.03 -5.80
C ALA A 353 3.92 -7.92 -4.57
N LEU A 354 4.71 -7.48 -3.58
CA LEU A 354 4.93 -8.29 -2.39
C LEU A 354 3.64 -8.49 -1.62
N GLY A 355 3.02 -7.40 -1.16
CA GLY A 355 1.82 -7.50 -0.37
C GLY A 355 0.63 -8.07 -1.12
N MET A 356 0.73 -8.23 -2.43
CA MET A 356 -0.35 -8.83 -3.19
C MET A 356 -0.13 -10.32 -3.45
N TRP A 357 1.12 -10.77 -3.57
CA TRP A 357 1.39 -12.15 -3.97
C TRP A 357 2.08 -13.02 -2.93
N ILE A 358 2.62 -12.45 -1.84
CA ILE A 358 3.45 -13.24 -0.94
C ILE A 358 2.70 -14.38 -0.26
N PRO A 359 1.50 -14.18 0.30
CA PRO A 359 0.83 -15.32 0.96
C PRO A 359 0.59 -16.50 0.05
N LEU A 360 0.23 -16.26 -1.21
CA LEU A 360 0.02 -17.35 -2.15
C LEU A 360 1.33 -18.08 -2.45
N TYR A 361 2.42 -17.33 -2.64
CA TYR A 361 3.72 -17.95 -2.87
C TYR A 361 4.14 -18.80 -1.68
N LEU A 362 3.89 -18.30 -0.47
CA LEU A 362 4.21 -19.07 0.73
C LEU A 362 3.39 -20.34 0.79
N HIS A 363 2.10 -20.26 0.44
CA HIS A 363 1.27 -21.46 0.45
C HIS A 363 1.75 -22.48 -0.56
N ARG A 364 2.13 -22.03 -1.75
CA ARG A 364 2.66 -22.95 -2.76
C ARG A 364 3.95 -23.59 -2.28
N ALA A 365 4.83 -22.81 -1.66
CA ALA A 365 6.06 -23.38 -1.10
C ALA A 365 5.75 -24.42 -0.04
N GLN A 366 4.78 -24.13 0.83
CA GLN A 366 4.42 -25.06 1.89
C GLN A 366 3.88 -26.36 1.31
N VAL A 367 3.02 -26.28 0.30
CA VAL A 367 2.47 -27.51 -0.28
C VAL A 367 3.55 -28.29 -1.02
N VAL A 368 4.49 -27.59 -1.66
CA VAL A 368 5.58 -28.29 -2.35
C VAL A 368 6.46 -29.02 -1.36
N GLN A 369 6.77 -28.38 -0.23
CA GLN A 369 7.53 -29.06 0.82
C GLN A 369 6.73 -30.25 1.37
N LYS A 370 5.42 -30.07 1.52
CA LYS A 370 4.56 -31.13 2.04
C LYS A 370 4.37 -32.27 1.04
N THR A 371 4.76 -32.09 -0.23
CA THR A 371 4.60 -33.16 -1.21
C THR A 371 5.24 -34.45 -0.72
N ALA A 372 6.50 -34.39 -0.31
CA ALA A 372 7.12 -35.50 0.42
C ALA A 372 8.01 -34.92 1.53
N GLU A 373 7.40 -34.61 2.66
CA GLU A 373 8.13 -34.40 3.91
C GLU A 373 7.45 -35.20 5.01
N THR A 374 6.12 -35.22 4.98
CA THR A 374 5.31 -36.01 5.91
C THR A 374 4.19 -36.78 5.21
N CYS A 375 3.67 -36.29 4.09
CA CYS A 375 2.55 -36.81 3.30
C CYS A 375 1.20 -36.56 3.96
N ASN A 376 1.17 -36.01 5.18
CA ASN A 376 -0.10 -35.66 5.82
C ASN A 376 -0.06 -34.33 6.56
N SER A 377 1.07 -33.62 6.57
CA SER A 377 1.21 -32.36 7.31
C SER A 377 0.20 -31.34 6.82
N PRO A 378 -0.45 -30.60 7.73
CA PRO A 378 -1.47 -29.63 7.32
C PRO A 378 -0.87 -28.50 6.51
N PRO A 379 -1.29 -28.35 5.25
CA PRO A 379 -0.81 -27.22 4.44
C PRO A 379 -1.70 -26.00 4.58
N CYS A 380 -2.53 -26.00 5.62
CA CYS A 380 -3.57 -24.99 5.83
C CYS A 380 -3.07 -23.58 5.59
N GLY A 381 -3.82 -22.82 4.79
CA GLY A 381 -3.48 -21.44 4.53
C GLY A 381 -3.83 -20.48 5.64
N ALA A 382 -4.55 -20.94 6.66
CA ALA A 382 -4.94 -20.12 7.79
C ALA A 382 -3.85 -20.02 8.85
N LYS A 383 -2.63 -20.45 8.54
CA LYS A 383 -1.49 -20.32 9.45
C LYS A 383 -0.38 -19.43 8.89
N ASP A 384 -0.43 -19.07 7.62
CA ASP A 384 0.58 -18.21 7.00
C ASP A 384 0.14 -16.77 6.85
N SER A 385 -1.13 -16.56 6.49
CA SER A 385 -1.64 -15.20 6.35
C SER A 385 -1.65 -14.46 7.68
N LEU A 386 -1.98 -15.16 8.77
CA LEU A 386 -1.94 -14.53 10.08
C LEU A 386 -0.53 -14.07 10.44
N ILE A 387 0.46 -14.94 10.20
CA ILE A 387 1.83 -14.58 10.50
C ILE A 387 2.28 -13.40 9.65
N PHE A 388 1.93 -13.41 8.37
CA PHE A 388 2.29 -12.30 7.49
C PHE A 388 1.64 -11.00 7.95
N GLY A 389 0.38 -11.05 8.37
CA GLY A 389 -0.28 -9.85 8.84
C GLY A 389 0.37 -9.29 10.09
N ALA A 390 0.65 -10.16 11.07
CA ALA A 390 1.31 -9.71 12.29
C ALA A 390 2.69 -9.13 11.98
N ILE A 391 3.42 -9.78 11.07
CA ILE A 391 4.73 -9.28 10.68
C ILE A 391 4.61 -7.89 10.09
N THR A 392 3.62 -7.68 9.21
CA THR A 392 3.45 -6.37 8.59
C THR A 392 3.13 -5.30 9.64
N CYS A 393 2.26 -5.62 10.59
CA CYS A 393 1.98 -4.68 11.67
C CYS A 393 3.25 -4.30 12.41
N PHE A 394 4.12 -5.29 12.69
CA PHE A 394 5.37 -4.97 13.36
C PHE A 394 6.26 -4.08 12.50
N THR A 395 6.51 -4.50 11.25
CA THR A 395 7.53 -3.84 10.44
C THR A 395 7.12 -2.43 10.02
N GLY A 396 5.84 -2.13 9.91
CA GLY A 396 5.50 -0.75 9.62
C GLY A 396 6.14 0.23 10.60
N PHE A 397 5.75 0.08 11.87
CA PHE A 397 6.29 0.94 12.92
C PHE A 397 7.80 0.75 13.06
N LEU A 398 8.29 -0.49 12.99
CA LEU A 398 9.71 -0.73 13.18
C LEU A 398 10.54 -0.03 12.12
N GLY A 399 10.13 -0.12 10.86
CA GLY A 399 10.86 0.54 9.80
C GLY A 399 10.80 2.04 9.88
N VAL A 400 9.63 2.59 10.23
CA VAL A 400 9.56 4.04 10.39
C VAL A 400 10.50 4.50 11.50
N VAL A 401 10.50 3.78 12.63
CA VAL A 401 11.34 4.16 13.76
C VAL A 401 12.82 4.06 13.39
N THR A 402 13.22 2.97 12.72
CA THR A 402 14.63 2.81 12.39
C THR A 402 15.07 3.82 11.34
N GLY A 403 14.19 4.19 10.40
CA GLY A 403 14.53 5.24 9.47
C GLY A 403 14.73 6.57 10.15
N ALA A 404 13.84 6.91 11.08
CA ALA A 404 14.00 8.16 11.83
C ALA A 404 15.31 8.16 12.62
N GLY A 405 15.62 7.06 13.29
CA GLY A 405 16.85 6.99 14.06
C GLY A 405 18.08 7.10 13.18
N ALA A 406 18.08 6.39 12.05
CA ALA A 406 19.25 6.40 11.16
C ALA A 406 19.45 7.80 10.56
N THR A 407 18.38 8.46 10.14
CA THR A 407 18.56 9.79 9.56
C THR A 407 18.98 10.80 10.63
N ARG A 408 18.46 10.67 11.86
CA ARG A 408 18.90 11.55 12.93
C ARG A 408 20.38 11.36 13.23
N TRP A 409 20.83 10.11 13.25
CA TRP A 409 22.25 9.83 13.50
C TRP A 409 23.12 10.37 12.37
N CYS A 410 22.70 10.17 11.11
CA CYS A 410 23.54 10.50 9.97
C CYS A 410 23.48 11.97 9.57
N ARG A 411 22.51 12.74 10.05
CA ARG A 411 22.44 14.15 9.70
C ARG A 411 23.61 14.94 10.27
N LEU A 412 24.27 14.43 11.30
CA LEU A 412 25.40 15.14 11.90
C LEU A 412 26.64 15.07 11.02
N LYS A 413 26.82 13.97 10.28
CA LYS A 413 28.01 13.80 9.47
C LYS A 413 27.97 14.68 8.22
N THR A 414 26.94 14.51 7.40
CA THR A 414 26.85 15.23 6.13
C THR A 414 25.54 15.98 6.01
N GLN A 415 25.26 16.52 4.82
CA GLN A 415 24.06 17.29 4.56
C GLN A 415 23.03 16.54 3.72
N ARG A 416 23.45 15.55 2.94
CA ARG A 416 22.54 14.76 2.10
C ARG A 416 22.29 13.39 2.68
N ALA A 417 22.17 13.31 4.01
CA ALA A 417 22.08 12.00 4.67
C ALA A 417 20.78 11.28 4.36
N ASP A 418 19.69 12.02 4.11
CA ASP A 418 18.40 11.38 3.90
C ASP A 418 18.36 10.51 2.65
N PRO A 419 18.71 11.00 1.45
CA PRO A 419 18.76 10.08 0.30
C PRO A 419 19.78 8.96 0.47
N LEU A 420 20.89 9.22 1.17
CA LEU A 420 21.88 8.16 1.39
C LEU A 420 21.29 7.03 2.22
N VAL A 421 20.63 7.35 3.33
CA VAL A 421 20.05 6.29 4.17
C VAL A 421 18.91 5.61 3.42
N CYS A 422 18.16 6.35 2.60
CA CYS A 422 17.15 5.71 1.77
C CYS A 422 17.78 4.70 0.82
N ALA A 423 18.91 5.06 0.22
CA ALA A 423 19.58 4.17 -0.72
C ALA A 423 20.11 2.92 0.00
N VAL A 424 20.68 3.09 1.19
CA VAL A 424 21.18 1.94 1.94
C VAL A 424 20.02 1.03 2.33
N GLY A 425 18.90 1.61 2.74
CA GLY A 425 17.74 0.80 3.04
C GLY A 425 17.24 0.04 1.82
N MET A 426 17.25 0.68 0.65
CA MET A 426 16.87 -0.02 -0.57
C MET A 426 17.82 -1.16 -0.90
N LEU A 427 19.13 -0.94 -0.73
CA LEU A 427 20.08 -2.01 -1.01
C LEU A 427 19.87 -3.20 -0.07
N GLY A 428 19.67 -2.92 1.22
CA GLY A 428 19.41 -3.99 2.17
C GLY A 428 18.12 -4.74 1.86
N SER A 429 17.06 -4.00 1.52
CA SER A 429 15.80 -4.63 1.17
C SER A 429 15.94 -5.50 -0.07
N ALA A 430 16.68 -5.01 -1.07
CA ALA A 430 16.91 -5.81 -2.27
C ALA A 430 17.67 -7.08 -1.94
N ILE A 431 18.68 -6.98 -1.08
CA ILE A 431 19.45 -8.16 -0.68
C ILE A 431 18.53 -9.19 -0.03
N PHE A 432 17.74 -8.76 0.95
CA PHE A 432 16.92 -9.72 1.67
C PHE A 432 15.80 -10.27 0.81
N ILE A 433 15.23 -9.47 -0.09
CA ILE A 433 14.24 -9.97 -1.03
C ILE A 433 14.88 -10.95 -2.01
N CYS A 434 16.17 -10.78 -2.30
CA CYS A 434 16.87 -11.77 -3.11
C CYS A 434 16.99 -13.09 -2.38
N LEU A 435 17.41 -13.07 -1.12
CA LEU A 435 17.63 -14.34 -0.43
C LEU A 435 16.37 -14.99 0.11
N ILE A 436 15.25 -14.29 0.23
CA ILE A 436 14.04 -14.97 0.71
C ILE A 436 13.58 -16.01 -0.30
N PHE A 437 13.63 -15.68 -1.59
CA PHE A 437 13.17 -16.59 -2.64
C PHE A 437 14.07 -17.80 -2.80
N VAL A 438 15.26 -17.79 -2.20
CA VAL A 438 16.12 -18.96 -2.17
C VAL A 438 15.97 -19.72 -0.86
N ALA A 439 15.83 -19.01 0.26
CA ALA A 439 15.66 -19.66 1.55
C ALA A 439 14.33 -20.39 1.66
N ALA A 440 13.28 -19.88 1.00
CA ALA A 440 11.97 -20.47 1.12
C ALA A 440 11.91 -21.89 0.55
N LYS A 441 12.89 -22.28 -0.26
CA LYS A 441 12.89 -23.63 -0.82
C LYS A 441 13.05 -24.69 0.26
N SER A 442 13.87 -24.41 1.28
CA SER A 442 14.16 -25.38 2.33
C SER A 442 13.50 -25.04 3.66
N SER A 443 13.70 -23.83 4.18
CA SER A 443 13.20 -23.46 5.50
C SER A 443 12.27 -22.26 5.39
N ILE A 444 11.16 -22.32 6.13
CA ILE A 444 10.15 -21.27 6.07
C ILE A 444 10.41 -20.17 7.09
N VAL A 445 10.94 -20.53 8.26
CA VAL A 445 11.26 -19.52 9.27
C VAL A 445 12.33 -18.57 8.75
N GLY A 446 13.28 -19.08 7.96
CA GLY A 446 14.23 -18.20 7.31
C GLY A 446 13.56 -17.22 6.38
N ALA A 447 12.55 -17.69 5.63
CA ALA A 447 11.79 -16.77 4.78
C ALA A 447 11.07 -15.72 5.62
N TYR A 448 10.54 -16.11 6.77
CA TYR A 448 9.81 -15.16 7.61
C TYR A 448 10.73 -14.09 8.17
N ILE A 449 11.91 -14.47 8.66
CA ILE A 449 12.83 -13.46 9.19
C ILE A 449 13.36 -12.59 8.06
N CYS A 450 13.61 -13.20 6.89
CA CYS A 450 14.06 -12.42 5.74
C CYS A 450 13.01 -11.39 5.34
N ILE A 451 11.74 -11.77 5.32
CA ILE A 451 10.69 -10.81 4.97
C ILE A 451 10.55 -9.75 6.04
N PHE A 452 10.73 -10.12 7.32
CA PHE A 452 10.72 -9.13 8.39
C PHE A 452 11.74 -8.03 8.10
N VAL A 453 12.99 -8.43 7.86
CA VAL A 453 14.04 -7.45 7.61
C VAL A 453 13.77 -6.70 6.31
N GLY A 454 13.24 -7.40 5.30
CA GLY A 454 13.00 -6.77 4.01
C GLY A 454 11.98 -5.66 4.09
N GLU A 455 10.81 -5.94 4.67
CA GLU A 455 9.82 -4.87 4.79
C GLU A 455 10.25 -3.79 5.76
N THR A 456 11.01 -4.12 6.81
CA THR A 456 11.52 -3.07 7.68
C THR A 456 12.38 -2.08 6.90
N LEU A 457 13.39 -2.60 6.18
CA LEU A 457 14.27 -1.73 5.42
C LEU A 457 13.57 -1.07 4.23
N LEU A 458 12.49 -1.68 3.73
CA LEU A 458 11.75 -1.08 2.63
C LEU A 458 10.91 0.10 3.12
N PHE A 459 10.27 -0.04 4.29
CA PHE A 459 9.44 1.01 4.83
C PHE A 459 10.22 2.07 5.59
N SER A 460 11.52 1.87 5.79
CA SER A 460 12.32 2.87 6.49
C SER A 460 12.34 4.23 5.79
N ASN A 461 11.97 4.30 4.51
CA ASN A 461 12.07 5.54 3.73
C ASN A 461 10.74 6.28 3.61
N TRP A 462 9.66 5.76 4.20
CA TRP A 462 8.34 6.39 4.03
C TRP A 462 8.43 7.86 4.32
N ALA A 463 8.67 8.21 5.57
CA ALA A 463 8.63 9.62 5.95
C ALA A 463 9.77 10.40 5.32
N ILE A 464 10.89 9.74 5.04
CA ILE A 464 12.05 10.43 4.48
C ILE A 464 11.75 10.96 3.09
N THR A 465 10.99 10.19 2.30
CA THR A 465 10.63 10.67 0.96
C THR A 465 9.81 11.96 1.04
N ALA A 466 8.82 11.99 1.94
CA ALA A 466 8.01 13.19 2.10
C ALA A 466 8.84 14.34 2.63
N ASP A 467 9.82 14.05 3.50
CA ASP A 467 10.70 15.10 3.99
C ASP A 467 11.53 15.69 2.86
N ILE A 468 12.06 14.84 1.98
CA ILE A 468 12.81 15.32 0.82
C ILE A 468 11.93 16.22 -0.04
N LEU A 469 10.71 15.75 -0.33
CA LEU A 469 9.81 16.54 -1.17
C LEU A 469 9.49 17.88 -0.51
N MET A 470 9.30 17.89 0.80
CA MET A 470 9.07 19.14 1.52
C MET A 470 10.27 20.06 1.38
N TYR A 471 11.48 19.50 1.42
CA TYR A 471 12.67 20.34 1.40
C TYR A 471 12.96 20.94 0.03
N VAL A 472 12.75 20.19 -1.05
CA VAL A 472 13.20 20.68 -2.35
C VAL A 472 12.18 21.61 -3.00
N VAL A 473 10.89 21.30 -2.89
CA VAL A 473 9.87 21.99 -3.67
C VAL A 473 9.56 23.35 -3.05
N ILE A 474 9.31 24.33 -3.92
CA ILE A 474 8.92 25.67 -3.47
C ILE A 474 7.56 25.60 -2.77
N PRO A 475 7.34 26.34 -1.68
CA PRO A 475 6.06 26.20 -0.96
C PRO A 475 4.83 26.48 -1.80
N THR A 476 4.90 27.44 -2.73
CA THR A 476 3.69 27.88 -3.42
C THR A 476 3.02 26.74 -4.16
N ARG A 477 3.79 25.93 -4.87
CA ARG A 477 3.25 24.79 -5.59
C ARG A 477 3.30 23.50 -4.78
N ARG A 478 3.77 23.57 -3.53
CA ARG A 478 4.05 22.39 -2.71
C ARG A 478 2.96 21.33 -2.82
N ALA A 479 1.74 21.69 -2.38
CA ALA A 479 0.64 20.73 -2.38
C ALA A 479 0.46 20.10 -3.77
N THR A 480 0.42 20.94 -4.81
CA THR A 480 0.27 20.43 -6.16
C THR A 480 1.34 19.38 -6.45
N ALA A 481 2.60 19.71 -6.15
CA ALA A 481 3.68 18.77 -6.38
C ALA A 481 3.39 17.44 -5.71
N VAL A 482 2.95 17.48 -4.46
CA VAL A 482 2.65 16.24 -3.74
C VAL A 482 1.64 15.42 -4.53
N ALA A 483 0.55 16.05 -4.96
CA ALA A 483 -0.46 15.35 -5.74
C ALA A 483 0.18 14.70 -6.96
N LEU A 484 1.01 15.47 -7.68
CA LEU A 484 1.69 14.95 -8.85
C LEU A 484 2.40 13.64 -8.52
N GLN A 485 3.18 13.63 -7.44
CA GLN A 485 3.93 12.42 -7.10
C GLN A 485 2.99 11.25 -6.93
N SER A 486 1.88 11.46 -6.22
CA SER A 486 0.91 10.37 -6.03
C SER A 486 0.50 9.79 -7.37
N PHE A 487 0.11 10.68 -8.31
CA PHE A 487 -0.26 10.22 -9.64
C PHE A 487 0.84 9.35 -10.23
N THR A 488 2.07 9.87 -10.24
CA THR A 488 3.17 9.11 -10.80
C THR A 488 3.37 7.80 -10.05
N SER A 489 3.31 7.84 -8.72
CA SER A 489 3.56 6.64 -7.95
C SER A 489 2.46 5.61 -8.16
N HIS A 490 1.33 6.01 -8.71
CA HIS A 490 0.25 5.07 -9.00
C HIS A 490 0.17 4.72 -10.48
N LEU A 491 1.14 5.15 -11.28
CA LEU A 491 1.17 4.80 -12.70
C LEU A 491 2.22 3.75 -13.02
N LEU A 492 3.47 4.01 -12.65
CA LEU A 492 4.55 3.04 -12.84
C LEU A 492 4.74 2.13 -11.64
N GLY A 493 3.94 2.28 -10.59
CA GLY A 493 4.11 1.49 -9.40
C GLY A 493 3.20 0.28 -9.34
N ASP A 494 2.18 0.33 -8.49
CA ASP A 494 1.26 -0.78 -8.31
C ASP A 494 0.04 -0.68 -9.22
N ALA A 495 0.12 0.09 -10.30
CA ALA A 495 -0.97 0.14 -11.26
C ALA A 495 -1.16 -1.20 -11.96
N GLY A 496 -0.06 -1.76 -12.49
CA GLY A 496 -0.14 -3.02 -13.18
C GLY A 496 0.92 -4.00 -12.73
N SER A 497 1.57 -3.71 -11.60
CA SER A 497 2.61 -4.61 -11.09
C SER A 497 2.07 -5.98 -10.73
N PRO A 498 0.99 -6.13 -9.95
CA PRO A 498 0.46 -7.48 -9.72
C PRO A 498 0.05 -8.18 -11.01
N TYR A 499 -0.55 -7.44 -11.95
CA TYR A 499 -0.88 -8.04 -13.23
C TYR A 499 0.37 -8.42 -14.00
N LEU A 500 1.43 -7.62 -13.91
CA LEU A 500 2.68 -7.97 -14.58
C LEU A 500 3.26 -9.26 -14.02
N ILE A 501 3.24 -9.41 -12.70
CA ILE A 501 3.75 -10.63 -12.08
C ILE A 501 2.90 -11.82 -12.49
N GLY A 502 1.58 -11.66 -12.51
CA GLY A 502 0.71 -12.74 -12.96
C GLY A 502 0.96 -13.12 -14.39
N PHE A 503 1.15 -12.12 -15.26
CA PHE A 503 1.40 -12.40 -16.68
C PHE A 503 2.71 -13.15 -16.87
N ILE A 504 3.77 -12.73 -16.19
CA ILE A 504 5.05 -13.40 -16.33
C ILE A 504 4.98 -14.82 -15.77
N SER A 505 4.30 -15.00 -14.64
CA SER A 505 4.17 -16.35 -14.08
C SER A 505 3.39 -17.25 -15.02
N ASP A 506 2.33 -16.72 -15.64
CA ASP A 506 1.57 -17.51 -16.61
C ASP A 506 2.42 -17.88 -17.82
N LEU A 507 3.25 -16.93 -18.29
CA LEU A 507 4.11 -17.19 -19.43
C LEU A 507 5.10 -18.30 -19.11
N ILE A 508 5.71 -18.27 -17.93
CA ILE A 508 6.58 -19.38 -17.53
C ILE A 508 5.79 -20.66 -17.38
N ARG A 509 4.54 -20.57 -16.92
CA ARG A 509 3.72 -21.75 -16.72
C ARG A 509 3.47 -22.48 -18.03
N GLN A 510 3.05 -21.75 -19.07
CA GLN A 510 2.67 -22.39 -20.32
C GLN A 510 3.86 -23.02 -21.03
N SER A 511 5.07 -22.52 -20.77
CA SER A 511 6.26 -23.06 -21.42
C SER A 511 6.72 -24.38 -20.82
N THR A 512 6.25 -24.72 -19.61
CA THR A 512 6.67 -25.93 -18.92
C THR A 512 5.43 -26.73 -18.54
N LYS A 513 5.65 -27.80 -17.78
CA LYS A 513 4.57 -28.68 -17.37
C LYS A 513 3.75 -28.02 -16.25
N ASP A 514 2.57 -28.59 -16.00
CA ASP A 514 1.68 -28.14 -14.94
C ASP A 514 1.79 -29.11 -13.78
N SER A 515 2.34 -28.63 -12.66
CA SER A 515 2.51 -29.43 -11.46
C SER A 515 2.75 -28.48 -10.30
N PRO A 516 2.36 -28.87 -9.07
CA PRO A 516 2.53 -27.95 -7.94
C PRO A 516 3.97 -27.49 -7.75
N LEU A 517 4.94 -28.37 -7.98
CA LEU A 517 6.33 -27.96 -7.92
C LEU A 517 6.62 -26.88 -8.95
N TRP A 518 6.14 -27.06 -10.18
CA TRP A 518 6.36 -26.04 -11.19
C TRP A 518 5.54 -24.79 -10.90
N GLU A 519 4.41 -24.93 -10.20
CA GLU A 519 3.70 -23.75 -9.71
C GLU A 519 4.60 -22.94 -8.78
N PHE A 520 5.25 -23.62 -7.84
CA PHE A 520 6.20 -22.98 -6.93
C PHE A 520 7.28 -22.24 -7.73
N LEU A 521 8.04 -22.97 -8.55
CA LEU A 521 9.16 -22.34 -9.23
C LEU A 521 8.71 -21.24 -10.19
N SER A 522 7.56 -21.41 -10.85
CA SER A 522 7.09 -20.37 -11.75
C SER A 522 6.74 -19.09 -11.01
N LEU A 523 6.03 -19.21 -9.88
CA LEU A 523 5.72 -18.00 -9.11
C LEU A 523 6.98 -17.37 -8.55
N GLY A 524 7.95 -18.18 -8.12
CA GLY A 524 9.19 -17.62 -7.62
C GLY A 524 9.98 -16.88 -8.68
N TYR A 525 10.08 -17.48 -9.87
CA TYR A 525 10.79 -16.82 -10.97
C TYR A 525 10.08 -15.55 -11.39
N ALA A 526 8.75 -15.54 -11.37
CA ALA A 526 8.02 -14.33 -11.68
C ALA A 526 8.28 -13.24 -10.63
N LEU A 527 8.28 -13.62 -9.35
CA LEU A 527 8.45 -12.65 -8.28
C LEU A 527 9.89 -12.18 -8.12
N MET A 528 10.85 -12.88 -8.72
CA MET A 528 12.25 -12.46 -8.66
C MET A 528 12.48 -11.09 -9.29
N LEU A 529 11.45 -10.52 -9.92
CA LEU A 529 11.58 -9.22 -10.55
C LEU A 529 11.60 -8.06 -9.56
N CYS A 530 11.08 -8.26 -8.34
CA CYS A 530 11.00 -7.16 -7.38
C CYS A 530 12.36 -6.63 -6.94
N PRO A 531 13.33 -7.45 -6.52
CA PRO A 531 14.62 -6.89 -6.09
C PRO A 531 15.32 -6.11 -7.19
N PHE A 532 15.08 -6.46 -8.45
CA PHE A 532 15.67 -5.73 -9.56
C PHE A 532 15.18 -4.27 -9.58
N VAL A 533 13.87 -4.08 -9.54
CA VAL A 533 13.31 -2.73 -9.51
C VAL A 533 13.69 -2.03 -8.21
N VAL A 534 13.86 -2.78 -7.13
CA VAL A 534 14.35 -2.17 -5.89
C VAL A 534 15.77 -1.65 -6.06
N VAL A 535 16.57 -2.36 -6.84
CA VAL A 535 17.94 -1.92 -7.13
C VAL A 535 17.91 -0.60 -7.91
N LEU A 536 17.04 -0.52 -8.92
CA LEU A 536 16.92 0.78 -9.59
C LEU A 536 16.38 1.86 -8.67
N GLY A 537 15.51 1.52 -7.72
CA GLY A 537 15.07 2.51 -6.75
C GLY A 537 16.21 3.05 -5.92
N GLY A 538 17.08 2.15 -5.46
CA GLY A 538 18.26 2.60 -4.73
C GLY A 538 19.17 3.46 -5.57
N MET A 539 19.36 3.07 -6.84
CA MET A 539 20.20 3.88 -7.73
C MET A 539 19.61 5.26 -7.93
N PHE A 540 18.29 5.34 -8.06
CA PHE A 540 17.64 6.65 -8.21
C PHE A 540 17.77 7.48 -6.94
N PHE A 541 17.75 6.85 -5.77
CA PHE A 541 17.99 7.62 -4.55
C PHE A 541 19.42 8.12 -4.48
N LEU A 542 20.40 7.33 -4.95
CA LEU A 542 21.75 7.88 -5.07
C LEU A 542 21.78 9.07 -6.03
N ALA A 543 21.08 8.95 -7.16
CA ALA A 543 21.08 10.03 -8.15
C ALA A 543 20.49 11.31 -7.58
N THR A 544 19.39 11.20 -6.84
CA THR A 544 18.84 12.38 -6.18
C THR A 544 19.71 12.86 -5.03
N ALA A 545 20.49 11.95 -4.43
CA ALA A 545 21.43 12.35 -3.40
C ALA A 545 22.50 13.27 -3.97
N LEU A 546 22.95 12.99 -5.19
CA LEU A 546 23.98 13.84 -5.78
C LEU A 546 23.52 15.30 -5.90
N PHE A 547 22.27 15.52 -6.29
CA PHE A 547 21.79 16.86 -6.58
C PHE A 547 20.91 17.44 -5.48
N PHE A 548 20.73 16.72 -4.36
CA PHE A 548 19.88 17.22 -3.29
C PHE A 548 20.40 18.53 -2.72
N VAL A 549 21.71 18.64 -2.50
CA VAL A 549 22.27 19.85 -1.90
C VAL A 549 22.04 21.05 -2.80
N SER A 550 22.32 20.88 -4.10
CA SER A 550 22.14 21.99 -5.04
C SER A 550 20.69 22.41 -5.14
N ASP A 551 19.77 21.44 -5.23
CA ASP A 551 18.36 21.79 -5.35
C ASP A 551 17.84 22.44 -4.08
N ARG A 552 18.29 21.97 -2.91
CA ARG A 552 17.89 22.61 -1.66
C ARG A 552 18.41 24.04 -1.57
N ALA A 553 19.66 24.25 -2.01
CA ALA A 553 20.20 25.61 -2.01
C ALA A 553 19.40 26.52 -2.94
N ARG A 554 19.05 26.02 -4.12
CA ARG A 554 18.25 26.82 -5.05
C ARG A 554 16.88 27.14 -4.45
N ALA A 555 16.25 26.15 -3.81
CA ALA A 555 14.96 26.40 -3.18
C ALA A 555 15.07 27.43 -2.08
N GLU A 556 16.12 27.34 -1.26
CA GLU A 556 16.31 28.31 -0.19
C GLU A 556 16.52 29.72 -0.75
N GLN A 557 17.31 29.84 -1.82
CA GLN A 557 17.56 31.15 -2.40
C GLN A 557 16.28 31.73 -3.01
N GLN A 558 15.46 30.89 -3.64
CA GLN A 558 14.25 31.40 -4.27
C GLN A 558 13.24 31.88 -3.23
N VAL A 559 13.02 31.10 -2.18
CA VAL A 559 12.10 31.52 -1.11
C VAL A 559 12.75 32.62 -0.29
N ASN A 560 11.91 33.46 0.33
CA ASN A 560 12.27 34.58 1.19
C ASN A 560 12.97 35.71 0.44
N GLN A 561 13.20 35.55 -0.85
CA GLN A 561 13.85 36.58 -1.68
C GLN A 561 15.19 37.03 -1.11
C10 YUX B . 2.36 5.51 2.82
C13 YUX B . -0.31 4.53 0.77
C15 YUX B . 0.91 2.24 1.33
C17 YUX B . 1.66 0.12 2.71
C20 YUX B . 1.40 -3.81 3.37
C21 YUX B . 1.90 -5.05 2.60
C22 YUX B . 1.51 7.58 1.90
C02 YUX B . 5.71 12.59 9.51
C03 YUX B . 4.86 11.40 8.95
C04 YUX B . 4.53 11.48 7.44
C05 YUX B . 4.14 10.10 6.75
C07 YUX B . 3.41 8.47 5.37
C08 YUX B . 2.80 7.68 4.10
C09 YUX B . 2.92 6.25 3.95
C11 YUX B . 1.64 6.14 1.75
C12 YUX B . 1.04 5.32 0.52
C14 YUX B . -0.28 2.96 0.58
C16 YUX B . 0.58 0.76 1.77
C18 YUX B . 1.21 -1.21 3.38
C19 YUX B . 1.60 -2.49 2.57
C23 YUX B . 2.07 8.31 3.03
N01 YUX B . 6.23 12.32 10.87
N06 YUX B . 3.57 9.90 5.52
N24 YUX B . 3.89 7.89 6.52
O25 YUX B . 4.33 8.89 7.37
#